data_4DEX
#
_entry.id   4DEX
#
_cell.length_a   36.908
_cell.length_b   68.661
_cell.length_c   79.158
_cell.angle_alpha   90.00
_cell.angle_beta   102.55
_cell.angle_gamma   90.00
#
_symmetry.space_group_name_H-M   'P 1 21 1'
#
loop_
_entity.id
_entity.type
_entity.pdbx_description
1 polymer 'Voltage-dependent L-type calcium channel subunit beta-2'
2 polymer 'Voltage-dependent N-type calcium channel subunit alpha-1B'
3 water water
#
loop_
_entity_poly.entity_id
_entity_poly.type
_entity_poly.pdbx_seq_one_letter_code
_entity_poly.pdbx_strand_id
1 'polypeptide(L)'
;GSSRPSDSDVSLEEDREAVRREAERQAQAQLEKAKTKPVAFAVRTNVSYSAAHEDDVPVPGMAISFEAKDFLHVKEKFNN
DWWIGRLVKEGCEIGFIPSPVKLENMRLQHEQRAKEFKLHSKEKRMPFFKKTEHTPPYDVVPSMRPVVLVGPSLKGYEVT
DMMQKALFDFLKHRFEGRISITRVTADISLAKRSVLNNPSKHAIIERSNTRSSLAEVQSEIERIFELARTLQLVVLDADT
INHPAQLSKTSLAPIVVYVKISSPKVLQRLIKSRGKSQAKHLNVQMVAADKLAQCPPELFDVILDENQLEDACEHLADYL
EAYWKATHPPSSNLPNPLL
;
A
2 'polypeptide(L)'
;GSEFAKERERVENRRAFLKLRRQQQIERELNGYLEWIFKAEEVMLAEEDKNAEEKSPLDAVLKRAATKKSRNDLIHAEEG
EDRFVDLCAAGSPFARASLKSGKTESSSYFRRK
;
B
#
# COMPACT_ATOMS: atom_id res chain seq x y z
N GLU A 14 12.10 -32.50 -37.71
CA GLU A 14 13.40 -32.81 -37.12
C GLU A 14 14.32 -31.60 -37.14
N ASP A 15 14.38 -30.91 -38.27
CA ASP A 15 15.05 -29.63 -38.31
C ASP A 15 14.02 -28.54 -37.99
N ARG A 16 13.54 -28.59 -36.76
CA ARG A 16 12.62 -27.60 -36.24
C ARG A 16 12.69 -27.76 -34.73
N GLU A 17 12.84 -29.01 -34.32
CA GLU A 17 13.06 -29.34 -32.91
C GLU A 17 14.44 -28.86 -32.50
N ALA A 18 15.43 -29.08 -33.37
CA ALA A 18 16.80 -28.71 -33.06
C ALA A 18 16.96 -27.19 -33.05
N VAL A 19 16.17 -26.50 -33.86
CA VAL A 19 16.18 -25.04 -33.86
C VAL A 19 15.48 -24.50 -32.61
N ARG A 20 14.34 -25.09 -32.27
CA ARG A 20 13.60 -24.69 -31.09
C ARG A 20 14.42 -24.97 -29.83
N ARG A 21 14.99 -26.16 -29.79
CA ARG A 21 15.76 -26.60 -28.63
C ARG A 21 16.94 -25.68 -28.36
N GLU A 22 17.66 -25.32 -29.43
CA GLU A 22 18.78 -24.40 -29.30
C GLU A 22 18.33 -23.03 -28.79
N ALA A 23 17.28 -22.48 -29.39
CA ALA A 23 16.75 -21.18 -28.97
C ALA A 23 16.26 -21.22 -27.52
N GLU A 24 15.62 -22.32 -27.14
CA GLU A 24 15.10 -22.38 -25.78
C GLU A 24 16.19 -22.68 -24.75
N ARG A 25 17.25 -23.38 -25.14
CA ARG A 25 18.40 -23.52 -24.22
C ARG A 25 19.05 -22.17 -23.93
N GLN A 26 19.11 -21.29 -24.92
CA GLN A 26 19.73 -19.99 -24.73
C GLN A 26 18.84 -19.09 -23.87
N ALA A 27 17.54 -19.26 -24.03
CA ALA A 27 16.58 -18.47 -23.27
C ALA A 27 16.63 -18.92 -21.80
N GLN A 28 16.63 -20.23 -21.61
CA GLN A 28 16.69 -20.82 -20.27
C GLN A 28 17.93 -20.38 -19.51
N ALA A 29 19.07 -20.39 -20.19
CA ALA A 29 20.33 -19.95 -19.59
C ALA A 29 20.23 -18.50 -19.11
N GLN A 30 19.54 -17.67 -19.89
CA GLN A 30 19.22 -16.29 -19.49
C GLN A 30 18.42 -16.18 -18.19
N LEU A 31 17.33 -16.95 -18.08
CA LEU A 31 16.50 -16.93 -16.88
C LEU A 31 17.34 -17.25 -15.66
N GLU A 32 18.19 -18.27 -15.78
CA GLU A 32 18.99 -18.75 -14.67
C GLU A 32 20.04 -17.70 -14.28
N LYS A 33 20.59 -17.03 -15.28
CA LYS A 33 21.57 -15.99 -15.02
C LYS A 33 20.90 -14.79 -14.37
N ALA A 34 19.64 -14.57 -14.72
CA ALA A 34 18.90 -13.42 -14.21
C ALA A 34 18.49 -13.61 -12.75
N LYS A 35 18.38 -14.86 -12.31
CA LYS A 35 17.96 -15.19 -10.96
C LYS A 35 18.80 -14.49 -9.88
N THR A 36 20.10 -14.34 -10.17
CA THR A 36 21.04 -13.78 -9.19
C THR A 36 21.35 -12.32 -9.45
N LYS A 37 20.54 -11.66 -10.28
CA LYS A 37 20.69 -10.23 -10.49
C LYS A 37 19.72 -9.45 -9.61
N PRO A 38 20.07 -8.19 -9.27
CA PRO A 38 19.13 -7.42 -8.46
C PRO A 38 17.95 -6.96 -9.31
N VAL A 39 16.86 -6.60 -8.66
CA VAL A 39 15.74 -5.98 -9.35
C VAL A 39 16.20 -4.66 -9.97
N ALA A 40 16.06 -4.56 -11.29
CA ALA A 40 16.38 -3.34 -12.00
C ALA A 40 15.35 -2.25 -11.67
N PHE A 41 14.08 -2.59 -11.79
CA PHE A 41 12.98 -1.69 -11.48
C PHE A 41 11.68 -2.49 -11.33
N ALA A 42 10.68 -1.86 -10.72
CA ALA A 42 9.37 -2.50 -10.54
C ALA A 42 8.32 -1.75 -11.35
N VAL A 43 7.23 -2.42 -11.71
CA VAL A 43 6.13 -1.76 -12.40
C VAL A 43 4.82 -2.16 -11.73
N ARG A 44 3.83 -1.28 -11.81
CA ARG A 44 2.46 -1.66 -11.46
C ARG A 44 1.68 -1.78 -12.78
N THR A 45 0.89 -2.83 -12.91
CA THR A 45 0.23 -3.08 -14.18
C THR A 45 -1.09 -2.29 -14.29
N ASN A 46 -1.37 -1.77 -15.48
CA ASN A 46 -2.65 -1.13 -15.77
C ASN A 46 -3.58 -2.05 -16.57
N VAL A 47 -3.01 -3.13 -17.10
CA VAL A 47 -3.75 -4.10 -17.89
C VAL A 47 -3.57 -5.49 -17.29
N SER A 48 -4.44 -6.42 -17.70
CA SER A 48 -4.27 -7.81 -17.33
C SER A 48 -3.64 -8.54 -18.49
N TYR A 49 -3.08 -9.71 -18.23
CA TYR A 49 -2.47 -10.52 -19.27
C TYR A 49 -2.53 -12.00 -18.91
N SER A 50 -3.09 -12.80 -19.81
CA SER A 50 -3.10 -14.26 -19.62
C SER A 50 -2.26 -14.95 -20.70
N ALA A 51 -1.32 -15.77 -20.26
CA ALA A 51 -0.44 -16.47 -21.18
C ALA A 51 -1.07 -17.74 -21.77
N ALA A 52 -2.38 -17.91 -21.58
CA ALA A 52 -3.12 -19.01 -22.19
C ALA A 52 -3.29 -18.76 -23.68
N HIS A 53 -3.06 -19.81 -24.48
CA HIS A 53 -2.86 -19.68 -25.92
C HIS A 53 -1.77 -18.67 -26.25
N GLU A 54 -0.65 -18.74 -25.54
CA GLU A 54 0.56 -18.06 -25.98
C GLU A 54 1.31 -19.10 -26.80
N ASP A 55 2.21 -18.65 -27.66
CA ASP A 55 2.90 -19.58 -28.55
C ASP A 55 4.31 -19.13 -28.91
N ASP A 56 4.70 -17.99 -28.36
CA ASP A 56 5.94 -17.33 -28.78
C ASP A 56 6.83 -16.99 -27.59
N VAL A 57 6.53 -17.57 -26.44
CA VAL A 57 7.31 -17.33 -25.23
C VAL A 57 8.62 -18.08 -25.36
N PRO A 58 9.75 -17.42 -25.06
CA PRO A 58 11.08 -18.00 -25.29
C PRO A 58 11.27 -19.40 -24.70
N VAL A 59 10.66 -19.67 -23.55
CA VAL A 59 10.56 -21.03 -23.03
C VAL A 59 9.10 -21.30 -22.71
N PRO A 60 8.51 -22.32 -23.37
CA PRO A 60 7.10 -22.65 -23.18
C PRO A 60 6.73 -22.82 -21.72
N GLY A 61 5.59 -22.23 -21.35
CA GLY A 61 5.04 -22.38 -20.01
C GLY A 61 5.68 -21.47 -18.99
N MET A 62 6.63 -20.63 -19.41
CA MET A 62 7.34 -19.76 -18.48
C MET A 62 6.92 -18.30 -18.58
N ALA A 63 5.86 -18.02 -19.35
CA ALA A 63 5.34 -16.66 -19.42
C ALA A 63 4.57 -16.36 -18.12
N ILE A 64 4.60 -15.10 -17.71
CA ILE A 64 3.99 -14.68 -16.46
C ILE A 64 2.64 -14.00 -16.69
N SER A 65 1.59 -14.57 -16.12
CA SER A 65 0.27 -13.98 -16.18
C SER A 65 0.03 -13.02 -15.01
N PHE A 66 -0.79 -12.00 -15.23
CA PHE A 66 -1.11 -11.07 -14.17
C PHE A 66 -2.45 -10.38 -14.36
N GLU A 67 -3.02 -9.89 -13.26
CA GLU A 67 -4.19 -9.04 -13.33
C GLU A 67 -3.76 -7.57 -13.34
N ALA A 68 -4.70 -6.69 -13.66
CA ALA A 68 -4.43 -5.26 -13.60
C ALA A 68 -4.14 -4.90 -12.15
N LYS A 69 -3.30 -3.90 -11.94
CA LYS A 69 -2.90 -3.43 -10.60
C LYS A 69 -2.04 -4.44 -9.82
N ASP A 70 -1.50 -5.44 -10.52
CA ASP A 70 -0.50 -6.32 -9.91
C ASP A 70 0.87 -5.64 -10.00
N PHE A 71 1.85 -6.19 -9.28
CA PHE A 71 3.20 -5.64 -9.23
C PHE A 71 4.21 -6.69 -9.73
N LEU A 72 5.13 -6.25 -10.60
CA LEU A 72 6.19 -7.11 -11.14
C LEU A 72 7.55 -6.52 -10.82
N HIS A 73 8.50 -7.40 -10.55
CA HIS A 73 9.88 -7.00 -10.40
C HIS A 73 10.60 -7.38 -11.69
N VAL A 74 11.25 -6.41 -12.32
CA VAL A 74 11.89 -6.64 -13.61
C VAL A 74 13.39 -6.75 -13.42
N LYS A 75 13.97 -7.83 -13.92
CA LYS A 75 15.41 -8.04 -13.75
C LYS A 75 16.21 -7.77 -15.02
N GLU A 76 15.58 -7.94 -16.19
CA GLU A 76 16.36 -7.98 -17.42
C GLU A 76 15.48 -7.85 -18.63
N LYS A 77 16.10 -7.50 -19.75
CA LYS A 77 15.40 -7.53 -21.02
C LYS A 77 15.88 -8.74 -21.83
N PHE A 78 14.95 -9.46 -22.44
CA PHE A 78 15.35 -10.58 -23.27
C PHE A 78 15.37 -10.20 -24.76
N ASN A 79 14.24 -9.71 -25.23
CA ASN A 79 14.14 -9.11 -26.55
C ASN A 79 13.02 -8.06 -26.54
N ASN A 80 12.61 -7.61 -27.71
CA ASN A 80 11.62 -6.55 -27.79
C ASN A 80 10.22 -6.97 -27.38
N ASP A 81 9.98 -8.27 -27.33
CA ASP A 81 8.68 -8.78 -26.93
C ASP A 81 8.64 -9.17 -25.45
N TRP A 82 9.81 -9.39 -24.86
CA TRP A 82 9.86 -10.05 -23.55
C TRP A 82 10.94 -9.50 -22.63
N TRP A 83 10.52 -9.26 -21.39
CA TRP A 83 11.42 -8.95 -20.29
C TRP A 83 11.53 -10.19 -19.41
N ILE A 84 12.52 -10.17 -18.53
CA ILE A 84 12.66 -11.22 -17.52
C ILE A 84 12.43 -10.69 -16.11
N GLY A 85 11.55 -11.34 -15.35
CA GLY A 85 11.30 -10.95 -13.97
C GLY A 85 10.31 -11.85 -13.26
N ARG A 86 9.67 -11.32 -12.22
CA ARG A 86 8.71 -12.12 -11.47
C ARG A 86 7.52 -11.30 -10.94
N LEU A 87 6.37 -11.96 -10.88
CA LEU A 87 5.20 -11.38 -10.26
C LEU A 87 5.47 -11.29 -8.76
N VAL A 88 5.15 -10.14 -8.17
CA VAL A 88 5.34 -9.98 -6.74
C VAL A 88 4.19 -10.69 -6.02
N LYS A 89 4.39 -11.99 -5.80
CA LYS A 89 3.39 -12.86 -5.20
C LYS A 89 4.14 -14.03 -4.59
N GLU A 90 3.73 -14.42 -3.40
CA GLU A 90 4.42 -15.47 -2.66
C GLU A 90 4.48 -16.75 -3.50
N GLY A 91 5.68 -17.30 -3.66
CA GLY A 91 5.86 -18.56 -4.37
C GLY A 91 6.24 -18.40 -5.82
N CYS A 92 5.86 -17.25 -6.40
CA CYS A 92 6.11 -16.96 -7.82
C CYS A 92 7.58 -16.77 -8.17
N GLU A 93 7.99 -17.44 -9.25
CA GLU A 93 9.39 -17.52 -9.67
C GLU A 93 9.70 -16.72 -10.94
N ILE A 94 10.99 -16.62 -11.26
CA ILE A 94 11.41 -15.82 -12.40
C ILE A 94 10.90 -16.44 -13.72
N GLY A 95 10.53 -15.59 -14.67
CA GLY A 95 9.95 -16.04 -15.92
C GLY A 95 9.94 -14.92 -16.94
N PHE A 96 9.16 -15.09 -18.00
CA PHE A 96 9.11 -14.05 -19.04
C PHE A 96 7.89 -13.15 -18.92
N ILE A 97 8.18 -11.85 -18.93
CA ILE A 97 7.18 -10.80 -18.81
C ILE A 97 7.07 -10.09 -20.16
N PRO A 98 5.85 -10.02 -20.70
CA PRO A 98 5.61 -9.35 -21.98
C PRO A 98 6.01 -7.88 -21.91
N SER A 99 6.77 -7.41 -22.90
CA SER A 99 7.16 -6.00 -22.95
C SER A 99 5.94 -5.13 -23.26
N PRO A 100 6.04 -3.81 -22.97
CA PRO A 100 4.85 -2.99 -23.27
C PRO A 100 4.48 -2.98 -24.75
N VAL A 101 5.45 -3.04 -25.66
CA VAL A 101 5.09 -3.09 -27.09
C VAL A 101 4.31 -4.35 -27.46
N LYS A 102 4.64 -5.46 -26.82
CA LYS A 102 3.88 -6.68 -27.03
C LYS A 102 2.44 -6.52 -26.55
N LEU A 103 2.28 -5.99 -25.34
CA LEU A 103 0.94 -5.77 -24.77
C LEU A 103 0.10 -4.79 -25.59
N GLU A 104 0.77 -3.86 -26.28
CA GLU A 104 0.08 -2.89 -27.13
C GLU A 104 -0.49 -3.56 -28.38
N ASN A 105 0.31 -4.44 -28.98
CA ASN A 105 -0.14 -5.24 -30.12
C ASN A 105 -1.36 -6.10 -29.78
N MET A 106 -1.51 -6.44 -28.50
CA MET A 106 -2.63 -7.24 -28.04
C MET A 106 -3.88 -6.40 -27.77
N ARG A 107 -3.67 -5.16 -27.33
CA ARG A 107 -4.78 -4.24 -27.07
C ARG A 107 -5.50 -3.81 -28.36
N LEU A 108 -4.74 -3.59 -29.44
CA LEU A 108 -5.33 -3.24 -30.74
C LEU A 108 -5.95 -4.45 -31.45
N GLN A 109 -5.37 -5.62 -31.24
CA GLN A 109 -5.90 -6.87 -31.75
C GLN A 109 -7.27 -7.15 -31.11
N HIS A 110 -7.38 -6.88 -29.82
CA HIS A 110 -8.62 -7.05 -29.08
C HIS A 110 -9.65 -6.03 -29.55
N GLU A 111 -9.16 -4.88 -30.00
CA GLU A 111 -10.01 -3.80 -30.44
C GLU A 111 -10.65 -4.10 -31.79
N GLN A 112 -9.83 -4.57 -32.73
CA GLN A 112 -10.33 -4.95 -34.06
C GLN A 112 -11.42 -6.01 -33.95
N ARG A 113 -11.25 -6.94 -33.02
CA ARG A 113 -12.24 -7.98 -32.76
C ARG A 113 -13.54 -7.40 -32.22
N ALA A 114 -13.41 -6.39 -31.36
CA ALA A 114 -14.56 -5.81 -30.66
C ALA A 114 -15.45 -4.98 -31.58
N LYS A 115 -14.85 -4.36 -32.57
CA LYS A 115 -15.60 -3.51 -33.50
C LYS A 115 -16.20 -4.34 -34.64
N GLU A 116 -15.95 -5.65 -34.60
CA GLU A 116 -16.48 -6.57 -35.60
C GLU A 116 -17.93 -6.94 -35.25
N PHE A 117 -18.37 -6.53 -34.07
CA PHE A 117 -19.77 -6.69 -33.68
C PHE A 117 -20.67 -5.61 -34.25
N LYS A 118 -21.44 -5.99 -35.26
CA LYS A 118 -22.65 -5.26 -35.63
C LYS A 118 -23.90 -5.97 -35.06
N LEU A 119 -24.13 -7.26 -35.37
CA LEU A 119 -23.43 -8.07 -36.38
C LEU A 119 -24.42 -8.92 -37.18
N THR A 135 -3.83 4.55 -22.02
CA THR A 135 -3.07 4.23 -20.81
C THR A 135 -1.91 3.30 -21.12
N PRO A 136 -0.70 3.67 -20.67
CA PRO A 136 0.44 2.75 -20.80
C PRO A 136 0.21 1.50 -19.94
N PRO A 137 0.71 0.33 -20.38
CA PRO A 137 0.37 -0.90 -19.68
C PRO A 137 1.08 -1.06 -18.34
N TYR A 138 2.24 -0.42 -18.19
CA TYR A 138 3.04 -0.49 -16.96
C TYR A 138 3.32 0.92 -16.41
N ASP A 139 3.20 1.10 -15.10
CA ASP A 139 3.71 2.33 -14.47
C ASP A 139 4.91 1.96 -13.59
N VAL A 140 5.99 2.73 -13.67
CA VAL A 140 7.17 2.45 -12.85
C VAL A 140 6.91 2.88 -11.41
N VAL A 141 7.22 2.01 -10.45
CA VAL A 141 6.91 2.26 -9.05
C VAL A 141 8.06 1.77 -8.17
N PRO A 142 8.06 2.13 -6.88
CA PRO A 142 9.18 1.65 -6.07
C PRO A 142 9.19 0.13 -5.96
N SER A 143 10.37 -0.43 -5.75
CA SER A 143 10.51 -1.88 -5.66
C SER A 143 9.79 -2.46 -4.44
N MET A 144 9.65 -1.66 -3.39
CA MET A 144 8.80 -1.99 -2.24
C MET A 144 7.77 -0.90 -2.12
N ARG A 145 6.50 -1.26 -2.04
CA ARG A 145 5.46 -0.23 -1.87
C ARG A 145 5.60 0.40 -0.48
N PRO A 146 5.69 1.73 -0.41
CA PRO A 146 5.85 2.41 0.89
C PRO A 146 4.56 2.37 1.71
N VAL A 147 4.68 2.04 2.98
CA VAL A 147 3.53 2.02 3.89
C VAL A 147 3.19 3.43 4.39
N VAL A 148 1.93 3.83 4.24
CA VAL A 148 1.46 5.13 4.74
C VAL A 148 0.27 4.94 5.69
N LEU A 149 0.31 5.59 6.85
CA LEU A 149 -0.82 5.51 7.80
C LEU A 149 -1.77 6.69 7.67
N VAL A 150 -3.08 6.43 7.60
CA VAL A 150 -4.05 7.52 7.62
C VAL A 150 -5.11 7.25 8.69
N GLY A 151 -5.57 8.31 9.37
CA GLY A 151 -6.58 8.15 10.41
C GLY A 151 -6.02 7.90 11.79
N PRO A 152 -6.90 7.90 12.82
CA PRO A 152 -8.37 8.01 12.73
C PRO A 152 -8.88 9.41 12.39
N SER A 153 -8.03 10.43 12.54
CA SER A 153 -8.41 11.79 12.18
C SER A 153 -7.20 12.51 11.56
N LEU A 154 -7.08 13.81 11.80
CA LEU A 154 -5.98 14.58 11.24
C LEU A 154 -4.67 14.44 11.98
N LYS A 155 -3.59 14.30 11.22
CA LYS A 155 -2.24 14.40 11.77
C LYS A 155 -1.96 15.81 12.32
N GLY A 156 -1.07 15.89 13.30
CA GLY A 156 -0.73 17.17 13.91
C GLY A 156 -1.55 17.39 15.19
N TYR A 157 -2.45 16.44 15.47
CA TYR A 157 -3.29 16.48 16.67
C TYR A 157 -2.98 15.23 17.47
N GLU A 158 -3.22 15.29 18.79
CA GLU A 158 -2.74 14.25 19.68
C GLU A 158 -3.32 12.84 19.47
N VAL A 159 -4.63 12.74 19.31
CA VAL A 159 -5.21 11.41 19.19
C VAL A 159 -4.64 10.66 18.00
N THR A 160 -4.61 11.31 16.84
CA THR A 160 -4.04 10.64 15.67
C THR A 160 -2.53 10.41 15.78
N ASP A 161 -1.78 11.45 16.14
CA ASP A 161 -0.33 11.29 16.28
C ASP A 161 0.05 10.17 17.25
N MET A 162 -0.64 10.08 18.38
CA MET A 162 -0.27 9.07 19.37
C MET A 162 -0.70 7.65 18.97
N MET A 163 -1.89 7.51 18.42
CA MET A 163 -2.28 6.18 17.98
C MET A 163 -1.34 5.67 16.89
N GLN A 164 -0.96 6.53 15.97
CA GLN A 164 -0.04 6.11 14.91
C GLN A 164 1.37 5.84 15.45
N LYS A 165 1.81 6.61 16.44
CA LYS A 165 3.11 6.35 17.06
C LYS A 165 3.23 4.94 17.67
N ALA A 166 2.19 4.48 18.35
CA ALA A 166 2.19 3.13 18.91
C ALA A 166 2.41 2.09 17.81
N LEU A 167 1.77 2.29 16.67
CA LEU A 167 1.95 1.37 15.55
C LEU A 167 3.36 1.44 14.96
N PHE A 168 3.90 2.63 14.75
CA PHE A 168 5.28 2.78 14.28
C PHE A 168 6.27 2.11 15.24
N ASP A 169 6.04 2.27 16.53
CA ASP A 169 6.92 1.66 17.53
C ASP A 169 6.86 0.14 17.46
N PHE A 170 5.66 -0.39 17.29
CA PHE A 170 5.53 -1.83 17.18
C PHE A 170 6.29 -2.36 15.96
N LEU A 171 6.16 -1.69 14.82
CA LEU A 171 6.82 -2.14 13.58
C LEU A 171 8.35 -2.14 13.65
N LYS A 172 8.91 -1.18 14.36
CA LYS A 172 10.36 -1.07 14.46
C LYS A 172 10.94 -2.29 15.16
N HIS A 173 10.16 -2.86 16.10
CA HIS A 173 10.58 -4.06 16.82
C HIS A 173 10.23 -5.30 16.05
N ARG A 174 8.99 -5.40 15.58
CA ARG A 174 8.54 -6.63 14.96
C ARG A 174 9.31 -6.89 13.65
N PHE A 175 9.70 -5.83 12.96
CA PHE A 175 10.43 -6.01 11.71
C PHE A 175 11.84 -5.45 11.81
N GLU A 176 12.38 -5.41 13.02
CA GLU A 176 13.74 -4.92 13.23
C GLU A 176 14.74 -5.54 12.24
N GLY A 177 15.61 -4.71 11.67
CA GLY A 177 16.60 -5.19 10.72
C GLY A 177 16.04 -5.36 9.32
N ARG A 178 14.71 -5.27 9.19
CA ARG A 178 14.06 -5.47 7.89
C ARG A 178 13.24 -4.27 7.45
N ILE A 179 13.40 -3.14 8.11
CA ILE A 179 12.46 -2.06 7.91
C ILE A 179 13.15 -0.71 7.92
N SER A 180 12.63 0.23 7.12
CA SER A 180 13.07 1.62 7.15
C SER A 180 11.86 2.50 7.42
N ILE A 181 11.89 3.23 8.53
CA ILE A 181 10.81 4.15 8.83
C ILE A 181 11.33 5.56 8.76
N THR A 182 10.82 6.32 7.80
CA THR A 182 11.33 7.68 7.60
C THR A 182 10.20 8.70 7.61
N ARG A 183 10.47 9.84 8.22
CA ARG A 183 9.51 10.93 8.22
C ARG A 183 9.59 11.71 6.90
N VAL A 184 8.44 12.16 6.42
CA VAL A 184 8.40 12.96 5.20
C VAL A 184 7.55 14.16 5.52
N THR A 185 8.17 15.34 5.61
CA THR A 185 7.46 16.57 5.91
C THR A 185 7.00 17.29 4.63
N ALA A 186 7.61 16.94 3.50
CA ALA A 186 7.29 17.58 2.22
C ALA A 186 5.87 17.19 1.82
N ASP A 187 5.14 18.06 1.13
CA ASP A 187 3.79 17.65 0.73
C ASP A 187 3.82 16.81 -0.55
N ILE A 188 4.00 15.50 -0.38
CA ILE A 188 4.16 14.63 -1.53
C ILE A 188 2.86 14.41 -2.32
N SER A 189 1.76 14.96 -1.86
CA SER A 189 0.53 14.91 -2.66
C SER A 189 0.66 15.80 -3.90
N LEU A 190 1.72 16.61 -3.96
CA LEU A 190 1.95 17.53 -5.08
C LEU A 190 2.64 16.82 -6.23
N ALA A 191 3.06 15.58 -6.00
CA ALA A 191 3.94 14.89 -6.94
C ALA A 191 3.15 14.22 -8.06
N LYS A 192 2.36 15.00 -8.78
CA LYS A 192 1.62 14.47 -9.92
C LYS A 192 1.86 15.33 -11.16
N ARG A 193 1.59 14.75 -12.33
CA ARG A 193 1.98 15.37 -13.59
C ARG A 193 1.39 16.76 -13.79
N SER A 194 0.14 16.95 -13.38
CA SER A 194 -0.55 18.23 -13.58
C SER A 194 0.12 19.36 -12.81
N VAL A 195 0.89 18.98 -11.79
CA VAL A 195 1.67 19.93 -11.00
C VAL A 195 3.09 20.01 -11.53
N LEU A 196 3.72 18.85 -11.69
CA LEU A 196 5.14 18.74 -12.05
C LEU A 196 5.45 19.17 -13.48
N ASN A 197 4.54 18.90 -14.41
CA ASN A 197 4.80 19.17 -15.81
C ASN A 197 4.29 20.52 -16.28
N ASN A 198 3.75 21.31 -15.35
CA ASN A 198 3.22 22.62 -15.69
C ASN A 198 3.78 23.74 -14.83
N SER A 212 4.73 23.46 -0.16
CA SER A 212 6.03 22.79 -0.28
C SER A 212 6.61 23.03 -1.69
N SER A 213 7.92 23.26 -1.78
CA SER A 213 8.53 23.49 -3.09
C SER A 213 8.54 22.19 -3.88
N LEU A 214 8.26 22.30 -5.17
CA LEU A 214 8.20 21.12 -6.03
C LEU A 214 9.55 20.43 -6.15
N ALA A 215 10.63 21.20 -6.04
CA ALA A 215 11.98 20.61 -6.07
C ALA A 215 12.16 19.66 -4.90
N GLU A 216 11.75 20.10 -3.72
CA GLU A 216 11.80 19.30 -2.50
C GLU A 216 10.91 18.07 -2.62
N VAL A 217 9.69 18.27 -3.11
CA VAL A 217 8.79 17.14 -3.31
C VAL A 217 9.40 16.07 -4.22
N GLN A 218 9.91 16.49 -5.37
CA GLN A 218 10.45 15.54 -6.32
C GLN A 218 11.72 14.88 -5.77
N SER A 219 12.47 15.63 -4.97
CA SER A 219 13.64 15.09 -4.29
C SER A 219 13.21 13.96 -3.34
N GLU A 220 12.14 14.19 -2.60
CA GLU A 220 11.65 13.19 -1.65
C GLU A 220 11.15 11.92 -2.35
N ILE A 221 10.47 12.10 -3.47
CA ILE A 221 10.02 10.95 -4.25
C ILE A 221 11.23 10.08 -4.63
N GLU A 222 12.27 10.72 -5.15
CA GLU A 222 13.49 9.96 -5.48
C GLU A 222 14.13 9.29 -4.25
N ARG A 223 14.03 9.93 -3.08
CA ARG A 223 14.64 9.38 -1.88
C ARG A 223 13.90 8.10 -1.53
N ILE A 224 12.59 8.13 -1.71
CA ILE A 224 11.72 6.99 -1.39
C ILE A 224 11.93 5.82 -2.35
N PHE A 225 12.05 6.11 -3.65
CA PHE A 225 12.43 5.08 -4.60
C PHE A 225 13.78 4.41 -4.25
N GLU A 226 14.75 5.25 -3.87
CA GLU A 226 16.08 4.75 -3.52
C GLU A 226 16.04 3.87 -2.27
N LEU A 227 15.33 4.32 -1.23
CA LEU A 227 15.15 3.51 -0.03
C LEU A 227 14.55 2.14 -0.34
N ALA A 228 13.63 2.09 -1.29
CA ALA A 228 12.95 0.83 -1.61
C ALA A 228 13.83 -0.09 -2.46
N ARG A 229 14.93 0.43 -3.00
CA ARG A 229 15.81 -0.39 -3.84
C ARG A 229 16.47 -1.51 -3.02
N THR A 230 16.66 -1.25 -1.73
CA THR A 230 17.27 -2.22 -0.83
C THR A 230 16.36 -3.43 -0.65
N LEU A 231 15.09 -3.24 -0.99
CA LEU A 231 14.02 -4.23 -0.75
C LEU A 231 13.73 -4.45 0.75
N GLN A 232 14.11 -3.48 1.59
CA GLN A 232 13.61 -3.44 2.96
C GLN A 232 12.17 -2.94 2.94
N LEU A 233 11.38 -3.24 3.97
CA LEU A 233 10.08 -2.62 4.11
C LEU A 233 10.28 -1.12 4.30
N VAL A 234 9.55 -0.33 3.53
CA VAL A 234 9.63 1.11 3.64
C VAL A 234 8.35 1.62 4.31
N VAL A 235 8.50 2.31 5.44
CA VAL A 235 7.35 2.90 6.12
C VAL A 235 7.53 4.42 6.17
N LEU A 236 6.54 5.18 5.70
CA LEU A 236 6.63 6.64 5.71
C LEU A 236 5.76 7.20 6.84
N ASP A 237 6.31 8.14 7.61
CA ASP A 237 5.47 8.95 8.49
C ASP A 237 5.26 10.28 7.75
N ALA A 238 4.30 10.26 6.83
CA ALA A 238 4.11 11.39 5.92
C ALA A 238 3.14 12.42 6.51
N ASP A 239 3.68 13.58 6.92
CA ASP A 239 2.93 14.62 7.63
C ASP A 239 1.64 15.08 6.98
N THR A 240 1.66 15.25 5.66
CA THR A 240 0.56 15.88 4.95
C THR A 240 -0.48 14.91 4.41
N ILE A 241 -0.26 13.62 4.59
CA ILE A 241 -1.15 12.65 3.95
C ILE A 241 -2.19 12.12 4.93
N ASN A 242 -3.43 12.59 4.77
CA ASN A 242 -4.53 12.24 5.66
C ASN A 242 -5.64 11.48 4.95
N HIS A 243 -5.46 11.21 3.66
CA HIS A 243 -6.53 10.61 2.85
C HIS A 243 -5.88 9.85 1.68
N PRO A 244 -6.37 8.64 1.37
CA PRO A 244 -5.74 7.86 0.29
C PRO A 244 -5.76 8.59 -1.06
N ALA A 245 -6.83 9.31 -1.38
CA ALA A 245 -6.88 10.06 -2.64
C ALA A 245 -5.65 10.95 -2.87
N GLN A 246 -5.01 11.37 -1.79
CA GLN A 246 -3.88 12.29 -1.91
C GLN A 246 -2.63 11.72 -2.58
N LEU A 247 -2.52 10.40 -2.68
CA LEU A 247 -1.34 9.77 -3.29
C LEU A 247 -1.65 8.97 -4.58
N SER A 248 -2.92 8.96 -4.98
CA SER A 248 -3.38 8.07 -6.05
C SER A 248 -2.86 8.47 -7.43
N LYS A 249 -2.47 9.73 -7.59
CA LYS A 249 -1.96 10.22 -8.88
C LYS A 249 -0.45 10.39 -8.86
N THR A 250 0.21 9.85 -7.83
CA THR A 250 1.66 9.86 -7.74
C THR A 250 2.17 8.50 -8.23
N SER A 251 3.49 8.34 -8.25
CA SER A 251 4.00 7.04 -8.67
C SER A 251 4.44 6.18 -7.49
N LEU A 252 3.99 6.51 -6.28
CA LEU A 252 4.50 5.83 -5.09
C LEU A 252 3.81 4.48 -4.83
N ALA A 253 2.58 4.34 -5.33
CA ALA A 253 1.78 3.11 -5.13
C ALA A 253 1.77 2.65 -3.68
N PRO A 254 1.41 3.55 -2.73
CA PRO A 254 1.58 3.15 -1.34
C PRO A 254 0.73 1.95 -0.91
N ILE A 255 1.16 1.29 0.14
CA ILE A 255 0.30 0.40 0.91
C ILE A 255 -0.39 1.31 1.91
N VAL A 256 -1.71 1.48 1.78
CA VAL A 256 -2.42 2.47 2.61
C VAL A 256 -3.11 1.80 3.77
N VAL A 257 -2.70 2.16 4.98
CA VAL A 257 -3.27 1.55 6.18
C VAL A 257 -4.19 2.54 6.90
N TYR A 258 -5.46 2.19 6.98
CA TYR A 258 -6.48 3.03 7.64
C TYR A 258 -6.60 2.64 9.11
N VAL A 259 -6.21 3.56 9.98
CA VAL A 259 -6.41 3.35 11.43
C VAL A 259 -7.74 3.93 11.78
N LYS A 260 -8.74 3.06 11.95
CA LYS A 260 -10.14 3.50 11.93
C LYS A 260 -10.80 3.38 13.29
N ILE A 261 -11.24 4.49 13.87
CA ILE A 261 -12.09 4.40 15.04
C ILE A 261 -13.53 4.38 14.56
N SER A 262 -14.21 3.24 14.70
CA SER A 262 -15.53 3.09 14.08
C SER A 262 -16.57 4.03 14.66
N SER A 263 -16.45 4.32 15.95
CA SER A 263 -17.48 5.08 16.66
C SER A 263 -17.16 6.56 16.85
N PRO A 264 -18.00 7.45 16.30
CA PRO A 264 -17.82 8.90 16.44
C PRO A 264 -17.80 9.33 17.89
N LYS A 265 -18.67 8.75 18.71
CA LYS A 265 -18.75 9.11 20.12
C LYS A 265 -17.47 8.70 20.82
N VAL A 266 -16.92 7.56 20.41
CA VAL A 266 -15.67 7.08 20.98
C VAL A 266 -14.54 8.09 20.66
N LEU A 267 -14.48 8.53 19.41
CA LEU A 267 -13.45 9.49 19.03
C LEU A 267 -13.59 10.79 19.81
N GLN A 268 -14.82 11.29 19.89
CA GLN A 268 -15.10 12.50 20.66
C GLN A 268 -14.60 12.40 22.12
N ARG A 269 -14.81 11.25 22.73
CA ARG A 269 -14.40 11.11 24.11
C ARG A 269 -12.88 10.94 24.23
N LEU A 270 -12.25 10.35 23.22
CA LEU A 270 -10.79 10.25 23.22
C LEU A 270 -10.16 11.65 23.11
N ILE A 271 -10.69 12.44 22.20
CA ILE A 271 -10.19 13.79 22.02
C ILE A 271 -10.33 14.59 23.32
N LYS A 272 -11.53 14.58 23.92
CA LYS A 272 -11.71 15.30 25.17
C LYS A 272 -10.79 14.81 26.28
N SER A 273 -10.39 13.54 26.22
CA SER A 273 -9.53 12.99 27.27
C SER A 273 -8.12 13.59 27.22
N ARG A 274 -7.75 14.24 26.11
CA ARG A 274 -6.43 14.86 25.95
C ARG A 274 -6.38 16.29 26.43
N GLY A 275 -7.46 16.79 27.01
CA GLY A 275 -7.42 18.10 27.64
C GLY A 275 -8.02 19.22 26.81
N LYS A 276 -7.99 20.43 27.35
CA LYS A 276 -8.75 21.54 26.77
C LYS A 276 -8.24 21.97 25.39
N SER A 277 -6.92 22.05 25.23
CA SER A 277 -6.33 22.49 23.97
C SER A 277 -6.77 21.62 22.79
N GLN A 278 -6.70 20.30 22.96
CA GLN A 278 -7.12 19.36 21.90
C GLN A 278 -8.64 19.38 21.68
N ALA A 279 -9.40 19.43 22.76
CA ALA A 279 -10.85 19.41 22.67
C ALA A 279 -11.40 20.66 21.96
N LYS A 280 -10.67 21.77 22.06
CA LYS A 280 -11.05 22.99 21.36
C LYS A 280 -11.13 22.74 19.85
N HIS A 281 -10.30 21.82 19.36
CA HIS A 281 -10.29 21.46 17.93
C HIS A 281 -11.07 20.19 17.64
N LEU A 282 -12.09 19.93 18.45
CA LEU A 282 -12.88 18.71 18.28
C LEU A 282 -13.57 18.63 16.92
N ASN A 283 -14.29 19.69 16.53
CA ASN A 283 -15.09 19.67 15.28
C ASN A 283 -14.28 19.34 14.04
N VAL A 284 -13.15 20.00 13.86
CA VAL A 284 -12.34 19.79 12.67
C VAL A 284 -11.85 18.35 12.61
N GLN A 285 -11.49 17.78 13.76
CA GLN A 285 -11.10 16.37 13.81
C GLN A 285 -12.27 15.42 13.55
N MET A 286 -13.46 15.78 14.01
CA MET A 286 -14.64 14.95 13.74
C MET A 286 -14.98 14.95 12.26
N VAL A 287 -14.84 16.11 11.62
CA VAL A 287 -15.12 16.23 10.19
C VAL A 287 -14.18 15.35 9.39
N ALA A 288 -12.90 15.44 9.70
CA ALA A 288 -11.88 14.71 8.94
C ALA A 288 -12.11 13.21 9.08
N ALA A 289 -12.48 12.77 10.28
CA ALA A 289 -12.70 11.33 10.50
C ALA A 289 -13.92 10.85 9.76
N ASP A 290 -14.96 11.67 9.73
CA ASP A 290 -16.19 11.34 9.03
C ASP A 290 -15.91 11.22 7.54
N LYS A 291 -15.10 12.15 7.03
CA LYS A 291 -14.68 12.12 5.63
C LYS A 291 -14.00 10.78 5.29
N LEU A 292 -13.06 10.35 6.12
CA LEU A 292 -12.33 9.09 5.88
C LEU A 292 -13.28 7.90 5.88
N ALA A 293 -14.23 7.92 6.81
CA ALA A 293 -15.15 6.81 6.98
C ALA A 293 -16.13 6.71 5.83
N GLN A 294 -16.25 7.77 5.02
CA GLN A 294 -17.11 7.72 3.84
C GLN A 294 -16.43 6.99 2.66
N CYS A 295 -15.15 6.67 2.81
CA CYS A 295 -14.41 6.05 1.73
C CYS A 295 -14.77 4.58 1.56
N PRO A 296 -14.86 4.12 0.30
CA PRO A 296 -15.00 2.68 0.06
C PRO A 296 -13.74 1.95 0.54
N PRO A 297 -13.91 0.75 1.10
CA PRO A 297 -12.79 0.02 1.69
C PRO A 297 -11.71 -0.35 0.67
N GLU A 298 -12.10 -0.44 -0.61
CA GLU A 298 -11.15 -0.74 -1.67
C GLU A 298 -10.08 0.34 -1.86
N LEU A 299 -10.28 1.51 -1.27
CA LEU A 299 -9.25 2.56 -1.33
C LEU A 299 -8.09 2.24 -0.38
N PHE A 300 -8.27 1.26 0.51
CA PHE A 300 -7.26 0.96 1.52
C PHE A 300 -6.73 -0.45 1.36
N ASP A 301 -5.46 -0.65 1.71
CA ASP A 301 -4.88 -1.99 1.69
C ASP A 301 -5.10 -2.73 2.99
N VAL A 302 -5.18 -1.99 4.09
CA VAL A 302 -5.35 -2.59 5.42
C VAL A 302 -6.24 -1.66 6.23
N ILE A 303 -7.28 -2.19 6.84
CA ILE A 303 -8.16 -1.33 7.63
C ILE A 303 -8.05 -1.84 9.05
N LEU A 304 -7.47 -1.02 9.92
CA LEU A 304 -7.26 -1.45 11.31
C LEU A 304 -8.38 -0.88 12.16
N ASP A 305 -9.47 -1.63 12.29
CA ASP A 305 -10.61 -1.15 13.07
C ASP A 305 -10.74 -1.86 14.42
N GLU A 306 -9.73 -2.66 14.77
CA GLU A 306 -9.70 -3.31 16.09
C GLU A 306 -9.51 -2.23 17.14
N ASN A 307 -10.17 -2.34 18.30
CA ASN A 307 -9.94 -1.36 19.35
C ASN A 307 -8.86 -1.74 20.36
N GLN A 308 -8.31 -2.95 20.25
CA GLN A 308 -7.18 -3.32 21.08
C GLN A 308 -5.88 -3.17 20.29
N LEU A 309 -4.92 -2.45 20.86
CA LEU A 309 -3.68 -2.19 20.14
C LEU A 309 -3.01 -3.49 19.65
N GLU A 310 -2.94 -4.49 20.51
CA GLU A 310 -2.30 -5.77 20.17
C GLU A 310 -2.96 -6.43 18.95
N ASP A 311 -4.29 -6.32 18.84
CA ASP A 311 -4.99 -6.93 17.71
C ASP A 311 -4.69 -6.14 16.42
N ALA A 312 -4.68 -4.81 16.52
CA ALA A 312 -4.35 -4.01 15.35
C ALA A 312 -2.95 -4.32 14.87
N CYS A 313 -2.01 -4.39 15.81
CA CYS A 313 -0.62 -4.70 15.49
C CYS A 313 -0.49 -6.05 14.79
N GLU A 314 -1.18 -7.07 15.30
CA GLU A 314 -1.04 -8.39 14.71
C GLU A 314 -1.65 -8.43 13.32
N HIS A 315 -2.75 -7.72 13.12
CA HIS A 315 -3.39 -7.61 11.81
C HIS A 315 -2.41 -6.98 10.82
N LEU A 316 -1.76 -5.89 11.23
CA LEU A 316 -0.80 -5.22 10.36
C LEU A 316 0.45 -6.06 10.07
N ALA A 317 1.03 -6.64 11.12
CA ALA A 317 2.19 -7.51 10.95
C ALA A 317 1.91 -8.72 10.04
N ASP A 318 0.73 -9.30 10.18
CA ASP A 318 0.33 -10.41 9.32
C ASP A 318 0.35 -9.99 7.85
N TYR A 319 -0.24 -8.82 7.54
CA TYR A 319 -0.18 -8.29 6.18
C TYR A 319 1.26 -8.06 5.71
N LEU A 320 2.06 -7.37 6.51
CA LEU A 320 3.42 -7.08 6.10
C LEU A 320 4.32 -8.31 6.03
N GLU A 321 4.07 -9.31 6.87
CA GLU A 321 4.80 -10.56 6.76
C GLU A 321 4.51 -11.23 5.41
N ALA A 322 3.23 -11.26 5.04
CA ALA A 322 2.87 -11.78 3.72
C ALA A 322 3.55 -10.98 2.57
N TYR A 323 3.56 -9.65 2.65
CA TYR A 323 4.23 -8.83 1.64
C TYR A 323 5.75 -9.10 1.59
N TRP A 324 6.34 -9.28 2.77
CA TRP A 324 7.75 -9.61 2.82
C TRP A 324 8.06 -10.89 2.02
N LYS A 325 7.21 -11.91 2.21
CA LYS A 325 7.38 -13.18 1.51
C LYS A 325 7.20 -13.01 0.00
N ALA A 326 6.18 -12.24 -0.40
CA ALA A 326 5.92 -11.95 -1.81
C ALA A 326 7.12 -11.27 -2.52
N THR A 327 7.82 -10.39 -1.81
CA THR A 327 8.94 -9.63 -2.39
C THR A 327 10.33 -10.30 -2.25
N HIS A 328 10.41 -11.41 -1.53
CA HIS A 328 11.67 -12.10 -1.25
C HIS A 328 11.51 -13.61 -1.40
N PRO A 329 11.66 -14.13 -2.62
CA PRO A 329 11.53 -15.57 -2.81
C PRO A 329 12.79 -16.31 -2.35
N PRO A 330 12.64 -17.54 -1.84
CA PRO A 330 13.79 -18.45 -1.94
C PRO A 330 14.01 -18.82 -3.41
N ARG B 8 -44.76 4.56 19.17
CA ARG B 8 -44.64 6.00 19.45
C ARG B 8 -44.07 6.23 20.85
N GLU B 9 -44.80 5.78 21.87
CA GLU B 9 -44.26 5.73 23.22
C GLU B 9 -43.29 4.56 23.32
N ARG B 10 -43.74 3.39 22.89
CA ARG B 10 -42.93 2.18 22.93
C ARG B 10 -41.74 2.27 21.97
N VAL B 11 -41.83 3.20 21.01
CA VAL B 11 -40.68 3.54 20.19
C VAL B 11 -39.57 4.08 21.08
N GLU B 12 -39.92 5.05 21.93
CA GLU B 12 -38.94 5.67 22.82
C GLU B 12 -38.40 4.70 23.87
N ASN B 13 -39.26 3.84 24.40
CA ASN B 13 -38.83 2.81 25.34
C ASN B 13 -37.80 1.91 24.67
N ARG B 14 -38.11 1.49 23.45
CA ARG B 14 -37.19 0.66 22.68
C ARG B 14 -35.93 1.42 22.32
N ARG B 15 -36.09 2.70 21.99
CA ARG B 15 -34.97 3.56 21.65
C ARG B 15 -34.05 3.77 22.85
N ALA B 16 -34.62 3.83 24.05
CA ALA B 16 -33.81 4.01 25.25
C ALA B 16 -32.94 2.78 25.47
N PHE B 17 -33.54 1.59 25.34
CA PHE B 17 -32.79 0.35 25.48
C PHE B 17 -31.65 0.26 24.44
N LEU B 18 -31.93 0.68 23.21
CA LEU B 18 -30.91 0.65 22.17
C LEU B 18 -29.78 1.62 22.51
N LYS B 19 -30.14 2.78 23.05
CA LYS B 19 -29.15 3.76 23.49
C LYS B 19 -28.33 3.26 24.70
N LEU B 20 -28.97 2.47 25.56
CA LEU B 20 -28.28 1.89 26.70
C LEU B 20 -27.26 0.86 26.24
N ARG B 21 -27.72 -0.07 25.40
CA ARG B 21 -26.86 -1.10 24.83
C ARG B 21 -25.66 -0.46 24.13
N ARG B 22 -25.93 0.53 23.28
CA ARG B 22 -24.85 1.20 22.55
C ARG B 22 -23.86 1.90 23.49
N GLN B 23 -24.38 2.54 24.53
CA GLN B 23 -23.55 3.27 25.47
C GLN B 23 -22.59 2.31 26.17
N GLN B 24 -23.03 1.08 26.39
CA GLN B 24 -22.21 0.07 27.04
C GLN B 24 -21.08 -0.40 26.12
N GLN B 25 -21.37 -0.58 24.84
CA GLN B 25 -20.33 -0.96 23.89
C GLN B 25 -19.33 0.20 23.77
N ILE B 26 -19.83 1.44 23.80
CA ILE B 26 -18.95 2.60 23.70
C ILE B 26 -17.91 2.65 24.83
N GLU B 27 -18.31 2.38 26.08
CA GLU B 27 -17.35 2.34 27.19
C GLU B 27 -16.27 1.29 26.97
N ARG B 28 -16.66 0.13 26.45
CA ARG B 28 -15.70 -0.95 26.19
C ARG B 28 -14.70 -0.60 25.07
N GLU B 29 -15.21 -0.06 23.97
CA GLU B 29 -14.34 0.38 22.88
C GLU B 29 -13.39 1.46 23.37
N LEU B 30 -13.94 2.46 24.06
CA LEU B 30 -13.17 3.57 24.57
C LEU B 30 -12.03 3.09 25.46
N ASN B 31 -12.28 2.07 26.27
CA ASN B 31 -11.24 1.53 27.11
C ASN B 31 -10.08 1.00 26.31
N GLY B 32 -10.40 0.29 25.21
CA GLY B 32 -9.37 -0.24 24.34
C GLY B 32 -8.49 0.88 23.81
N TYR B 33 -9.12 1.95 23.32
CA TYR B 33 -8.36 3.03 22.71
C TYR B 33 -7.57 3.85 23.73
N LEU B 34 -8.07 3.97 24.95
CA LEU B 34 -7.29 4.68 25.96
C LEU B 34 -6.00 3.91 26.29
N GLU B 35 -6.11 2.58 26.41
CA GLU B 35 -4.93 1.74 26.62
C GLU B 35 -3.93 1.86 25.45
N TRP B 36 -4.46 1.94 24.24
CA TRP B 36 -3.67 2.16 23.02
C TRP B 36 -2.85 3.45 23.17
N ILE B 37 -3.54 4.54 23.48
CA ILE B 37 -2.85 5.82 23.63
C ILE B 37 -1.86 5.83 24.79
N PHE B 38 -2.18 5.09 25.86
CA PHE B 38 -1.26 5.02 26.98
C PHE B 38 0.06 4.35 26.59
N LYS B 39 -0.02 3.36 25.71
CA LYS B 39 1.18 2.69 25.19
C LYS B 39 2.10 3.69 24.49
N ALA B 40 1.52 4.56 23.67
CA ALA B 40 2.28 5.60 23.00
C ALA B 40 2.85 6.60 24.00
N GLU B 41 2.05 6.99 24.99
CA GLU B 41 2.46 7.90 26.05
C GLU B 41 3.69 7.32 26.80
N GLU B 42 3.62 6.03 27.08
CA GLU B 42 4.69 5.33 27.77
C GLU B 42 6.00 5.43 27.00
N VAL B 43 5.97 5.25 25.68
CA VAL B 43 7.19 5.33 24.91
C VAL B 43 7.64 6.78 24.69
N MET B 44 6.69 7.71 24.53
CA MET B 44 7.04 9.12 24.51
C MET B 44 7.81 9.52 25.77
N LEU B 45 7.42 8.95 26.90
CA LEU B 45 8.09 9.24 28.17
C LEU B 45 9.49 8.64 28.19
N ALA B 46 9.63 7.45 27.62
CA ALA B 46 10.91 6.76 27.56
C ALA B 46 11.93 7.50 26.68
N GLU B 47 11.43 8.15 25.64
CA GLU B 47 12.30 8.75 24.62
C GLU B 47 12.47 10.25 24.81
N GLU B 48 11.37 10.95 25.08
CA GLU B 48 11.39 12.41 25.10
C GLU B 48 11.19 12.99 26.50
N ASP B 49 10.98 12.11 27.48
CA ASP B 49 10.53 12.53 28.82
C ASP B 49 9.32 13.48 28.72
N LYS B 50 8.35 13.13 27.88
CA LYS B 50 7.14 13.91 27.74
C LYS B 50 5.91 13.02 27.60
N ASN B 51 4.81 13.43 28.24
CA ASN B 51 3.51 12.80 28.02
C ASN B 51 2.78 13.56 26.94
N ALA B 52 3.34 14.72 26.59
CA ALA B 52 2.66 15.75 25.80
C ALA B 52 1.32 16.14 26.45
#